data_6Z7K
#
_entry.id   6Z7K
#
_cell.length_a   44.693
_cell.length_b   45.426
_cell.length_c   117.753
_cell.angle_alpha   90.000
_cell.angle_beta   90.000
_cell.angle_gamma   90.000
#
_symmetry.space_group_name_H-M   'P 21 21 21'
#
loop_
_entity.id
_entity.type
_entity.pdbx_description
1 polymer Beta-lactamase
2 non-polymer '(2~{S},3~{S})-3-[bis(oxidanylidene)-$l^{5}-sulfanyl]-3-methyl-2-[(~{E})-3-oxidanylidenepropylideneamino]-4-(1,2,3-triaz ol-1-yl)butanoic acid'
3 non-polymer 'SULFATE ION'
4 non-polymer 'CHLORIDE ION'
5 water water
#
_entity_poly.entity_id   1
_entity_poly.type   'polypeptide(L)'
_entity_poly.pdbx_seq_one_letter_code
;GPQTADVQQKLAELERQSGGRLGVALINTADNSQILYRADERFAMCSTSKVMAAAAVLKKSESEPNLLNQRVEIKKSDLV
NYNPIAEKHVNGTMSLAELSAAALQYSDNVAMNKLIAHVGGPASVTAFARQLGDETFRLDRTEPTLNTAIPGDPRDTTSP
RAMAQTLRNLTLGKALGDSQRAQLVTWMKGNTTGAASIQAGLPASWVVGDKTGSGGYGTTNDIAVIWPKDRAPLILVTYF
TQPQPKAESRRDVLASAAKIVTDGL
;
_entity_poly.pdbx_strand_id   A
#
loop_
_chem_comp.id
_chem_comp.type
_chem_comp.name
_chem_comp.formula
CL non-polymer 'CHLORIDE ION' 'Cl -1'
QBZ non-polymer '(2~{S},3~{S})-3-[bis(oxidanylidene)-$l^{5}-sulfanyl]-3-methyl-2-[(~{E})-3-oxidanylidenepropylideneamino]-4-(1,2,3-triaz ol-1-yl)butanoic acid' 'C10 H13 N4 O6 S -1'
SO4 non-polymer 'SULFATE ION' 'O4 S -2'
#
# COMPACT_ATOMS: atom_id res chain seq x y z
N THR A 4 -21.36 -13.00 2.64
CA THR A 4 -22.74 -13.04 3.13
C THR A 4 -23.34 -11.64 3.15
N ALA A 5 -24.68 -11.57 3.13
CA ALA A 5 -25.33 -10.29 3.41
C ALA A 5 -24.97 -9.81 4.81
N ASP A 6 -24.68 -10.73 5.73
CA ASP A 6 -24.31 -10.32 7.08
C ASP A 6 -23.07 -9.42 7.06
N VAL A 7 -21.98 -9.88 6.43
CA VAL A 7 -20.76 -9.08 6.37
C VAL A 7 -21.03 -7.78 5.63
N GLN A 8 -21.89 -7.82 4.60
CA GLN A 8 -22.20 -6.62 3.84
C GLN A 8 -22.94 -5.60 4.70
N GLN A 9 -23.95 -6.06 5.45
CA GLN A 9 -24.68 -5.15 6.32
C GLN A 9 -23.76 -4.54 7.36
N LYS A 10 -22.83 -5.33 7.89
CA LYS A 10 -21.91 -4.81 8.89
C LYS A 10 -20.97 -3.76 8.29
N LEU A 11 -20.45 -4.00 7.08
CA LEU A 11 -19.60 -2.99 6.45
C LEU A 11 -20.39 -1.73 6.11
N ALA A 12 -21.63 -1.88 5.65
CA ALA A 12 -22.44 -0.71 5.36
C ALA A 12 -22.71 0.09 6.63
N GLU A 13 -22.98 -0.60 7.75
CA GLU A 13 -23.20 0.08 9.02
CA GLU A 13 -23.20 0.08 9.02
C GLU A 13 -21.93 0.80 9.47
N LEU A 14 -20.79 0.14 9.35
CA LEU A 14 -19.52 0.78 9.68
C LEU A 14 -19.33 2.04 8.83
N GLU A 15 -19.55 1.92 7.53
CA GLU A 15 -19.38 3.08 6.67
C GLU A 15 -20.32 4.21 7.11
N ARG A 16 -21.59 3.89 7.33
CA ARG A 16 -22.53 4.92 7.75
C ARG A 16 -22.04 5.59 9.04
N GLN A 17 -21.64 4.79 10.03
CA GLN A 17 -21.20 5.36 11.30
C GLN A 17 -19.99 6.26 11.11
N SER A 18 -19.08 5.87 10.22
CA SER A 18 -17.84 6.60 10.03
C SER A 18 -18.05 7.96 9.38
N GLY A 19 -19.14 8.13 8.65
CA GLY A 19 -19.40 9.35 7.94
C GLY A 19 -18.68 9.50 6.61
N GLY A 20 -17.85 8.53 6.21
CA GLY A 20 -17.07 8.64 5.00
C GLY A 20 -17.43 7.61 3.95
N ARG A 21 -16.44 7.26 3.12
CA ARG A 21 -16.57 6.32 2.01
C ARG A 21 -15.51 5.24 2.21
N LEU A 22 -15.96 4.01 2.36
CA LEU A 22 -15.14 2.86 2.68
C LEU A 22 -15.06 1.90 1.50
N GLY A 23 -13.85 1.42 1.21
CA GLY A 23 -13.61 0.44 0.17
C GLY A 23 -12.86 -0.74 0.74
N VAL A 24 -13.37 -1.95 0.53
CA VAL A 24 -12.76 -3.15 1.08
C VAL A 24 -12.68 -4.22 0.01
N ALA A 25 -11.55 -4.90 -0.04
CA ALA A 25 -11.44 -6.14 -0.81
C ALA A 25 -10.61 -7.14 -0.02
N LEU A 26 -11.23 -8.27 0.33
CA LEU A 26 -10.56 -9.40 0.94
C LEU A 26 -10.51 -10.52 -0.09
N ILE A 27 -9.34 -11.12 -0.27
CA ILE A 27 -9.18 -12.36 -1.01
C ILE A 27 -8.79 -13.43 0.01
N ASN A 28 -9.56 -14.50 0.07
CA ASN A 28 -9.23 -15.65 0.91
C ASN A 28 -8.67 -16.73 0.00
N THR A 29 -7.36 -16.99 0.11
CA THR A 29 -6.75 -17.94 -0.80
C THR A 29 -7.10 -19.40 -0.49
N ALA A 30 -7.76 -19.69 0.63
CA ALA A 30 -8.18 -21.06 0.88
C ALA A 30 -9.14 -21.56 -0.20
N ASP A 31 -10.01 -20.69 -0.70
CA ASP A 31 -11.05 -21.09 -1.64
C ASP A 31 -11.18 -20.11 -2.80
N ASN A 32 -10.22 -19.21 -2.99
CA ASN A 32 -10.27 -18.22 -4.06
C ASN A 32 -11.57 -17.44 -4.03
N SER A 33 -11.97 -17.03 -2.82
CA SER A 33 -13.18 -16.26 -2.61
C SER A 33 -12.82 -14.81 -2.25
N GLN A 34 -13.81 -13.94 -2.39
CA GLN A 34 -13.62 -12.53 -2.13
C GLN A 34 -14.79 -11.99 -1.33
N ILE A 35 -14.48 -10.98 -0.50
CA ILE A 35 -15.48 -10.12 0.13
C ILE A 35 -15.19 -8.70 -0.33
N LEU A 36 -16.18 -8.05 -0.92
CA LEU A 36 -15.99 -6.80 -1.64
C LEU A 36 -17.00 -5.76 -1.16
N TYR A 37 -16.54 -4.52 -0.98
CA TYR A 37 -17.42 -3.41 -0.62
C TYR A 37 -16.87 -2.17 -1.32
N ARG A 38 -17.66 -1.60 -2.24
CA ARG A 38 -17.17 -0.50 -3.09
C ARG A 38 -15.84 -0.85 -3.76
N ALA A 39 -15.67 -2.12 -4.11
CA ALA A 39 -14.34 -2.59 -4.50
C ALA A 39 -13.93 -2.18 -5.91
N ASP A 40 -14.87 -1.66 -6.70
CA ASP A 40 -14.56 -1.12 -8.02
C ASP A 40 -14.53 0.40 -8.06
N GLU A 41 -14.73 1.06 -6.93
CA GLU A 41 -14.58 2.52 -6.87
C GLU A 41 -13.13 2.89 -6.70
N ARG A 42 -12.78 4.10 -7.16
CA ARG A 42 -11.43 4.60 -7.00
C ARG A 42 -11.25 5.33 -5.68
N PHE A 43 -10.06 5.14 -5.10
CA PHE A 43 -9.62 5.84 -3.90
C PHE A 43 -8.17 6.26 -4.08
N ALA A 44 -7.82 7.41 -3.51
CA ALA A 44 -6.43 7.85 -3.48
C ALA A 44 -5.59 6.88 -2.64
N MET A 45 -4.52 6.34 -3.24
CA MET A 45 -3.71 5.33 -2.57
C MET A 45 -2.84 5.90 -1.46
N CYS A 46 -2.43 7.15 -1.58
CA CYS A 46 -1.45 7.74 -0.66
C CYS A 46 -0.25 6.80 -0.54
N SER A 47 0.29 6.61 0.67
CA SER A 47 1.54 5.87 0.80
C SER A 47 1.41 4.39 0.51
N THR A 48 0.20 3.86 0.34
CA THR A 48 0.10 2.46 -0.07
C THR A 48 0.73 2.26 -1.44
N SER A 49 0.86 3.32 -2.26
CA SER A 49 1.50 3.22 -3.56
C SER A 49 3.00 2.90 -3.45
N LYS A 50 3.58 3.08 -2.26
CA LYS A 50 5.01 2.77 -2.08
C LYS A 50 5.30 1.30 -2.33
N VAL A 51 4.32 0.42 -2.09
CA VAL A 51 4.51 -0.99 -2.41
C VAL A 51 4.79 -1.18 -3.89
N MET A 52 4.01 -0.51 -4.75
N MET A 52 4.02 -0.50 -4.75
CA MET A 52 4.19 -0.68 -6.19
CA MET A 52 4.20 -0.66 -6.18
C MET A 52 5.52 -0.09 -6.66
C MET A 52 5.52 -0.09 -6.64
N ALA A 53 5.94 1.04 -6.08
CA ALA A 53 7.24 1.61 -6.46
C ALA A 53 8.39 0.68 -6.07
N ALA A 54 8.35 0.16 -4.84
CA ALA A 54 9.38 -0.78 -4.40
C ALA A 54 9.37 -2.03 -5.25
N ALA A 55 8.18 -2.54 -5.57
CA ALA A 55 8.08 -3.73 -6.40
C ALA A 55 8.62 -3.48 -7.81
N ALA A 56 8.41 -2.27 -8.34
CA ALA A 56 8.95 -1.94 -9.65
C ALA A 56 10.46 -1.95 -9.63
N VAL A 57 11.07 -1.45 -8.55
CA VAL A 57 12.53 -1.52 -8.39
C VAL A 57 12.99 -2.98 -8.30
N LEU A 58 12.27 -3.78 -7.53
CA LEU A 58 12.64 -5.19 -7.43
C LEU A 58 12.54 -5.89 -8.79
N LYS A 59 11.50 -5.59 -9.56
CA LYS A 59 11.37 -6.17 -10.89
C LYS A 59 12.56 -5.79 -11.77
N LYS A 60 12.91 -4.49 -11.77
CA LYS A 60 14.06 -4.03 -12.54
C LYS A 60 15.33 -4.74 -12.12
N SER A 61 15.47 -5.03 -10.83
CA SER A 61 16.68 -5.68 -10.30
C SER A 61 16.84 -7.11 -10.78
N GLU A 62 15.78 -7.74 -11.29
CA GLU A 62 15.90 -9.11 -11.79
C GLU A 62 16.85 -9.20 -12.96
N SER A 63 16.97 -8.12 -13.73
CA SER A 63 17.90 -8.09 -14.84
C SER A 63 19.08 -7.14 -14.62
N GLU A 64 19.18 -6.53 -13.44
CA GLU A 64 20.25 -5.60 -13.09
C GLU A 64 20.75 -5.96 -11.70
N PRO A 65 21.68 -6.91 -11.60
CA PRO A 65 22.06 -7.43 -10.27
C PRO A 65 22.78 -6.44 -9.37
N ASN A 66 23.22 -5.29 -9.88
CA ASN A 66 23.81 -4.26 -9.03
C ASN A 66 22.82 -3.18 -8.63
N LEU A 67 21.57 -3.28 -9.05
CA LEU A 67 20.64 -2.16 -8.85
C LEU A 67 20.40 -1.89 -7.36
N LEU A 68 20.11 -2.93 -6.58
CA LEU A 68 19.77 -2.68 -5.18
C LEU A 68 20.93 -2.06 -4.40
N ASN A 69 22.16 -2.32 -4.83
CA ASN A 69 23.34 -1.74 -4.19
C ASN A 69 23.69 -0.36 -4.70
N GLN A 70 23.03 0.12 -5.75
CA GLN A 70 23.39 1.42 -6.32
C GLN A 70 23.20 2.53 -5.30
N ARG A 71 24.19 3.42 -5.23
CA ARG A 71 24.20 4.52 -4.26
C ARG A 71 23.48 5.73 -4.85
N VAL A 72 22.60 6.33 -4.03
CA VAL A 72 21.77 7.47 -4.42
C VAL A 72 22.07 8.60 -3.44
N GLU A 73 22.46 9.75 -3.97
CA GLU A 73 22.74 10.90 -3.12
C GLU A 73 21.47 11.45 -2.49
N ILE A 74 21.55 11.81 -1.21
CA ILE A 74 20.47 12.49 -0.50
C ILE A 74 20.94 13.91 -0.22
N LYS A 75 20.16 14.89 -0.67
CA LYS A 75 20.51 16.29 -0.55
C LYS A 75 19.41 17.04 0.16
N LYS A 76 19.77 18.20 0.74
CA LYS A 76 18.76 19.05 1.36
C LYS A 76 17.64 19.36 0.37
N SER A 77 18.00 19.51 -0.92
CA SER A 77 17.01 19.81 -1.95
C SER A 77 16.04 18.67 -2.18
N ASP A 78 16.32 17.45 -1.70
CA ASP A 78 15.41 16.33 -1.79
C ASP A 78 14.36 16.26 -0.68
N LEU A 79 14.60 16.94 0.44
N LEU A 79 14.47 17.06 0.39
CA LEU A 79 13.67 16.84 1.55
CA LEU A 79 13.69 16.86 1.63
C LEU A 79 12.29 17.29 1.06
C LEU A 79 12.25 17.43 1.60
N VAL A 80 11.31 16.55 1.41
CA VAL A 80 9.96 17.01 1.18
C VAL A 80 9.32 16.97 2.56
N ASN A 81 8.05 16.66 2.65
CA ASN A 81 7.56 16.57 4.02
C ASN A 81 7.65 15.11 4.50
N TYR A 82 8.22 14.88 5.68
CA TYR A 82 8.28 13.55 6.26
C TYR A 82 9.38 12.69 5.65
N ASN A 83 10.56 12.85 6.22
CA ASN A 83 11.78 12.20 5.73
C ASN A 83 12.51 11.70 6.96
N PRO A 84 11.87 10.86 7.79
CA PRO A 84 12.53 10.42 9.03
C PRO A 84 13.87 9.73 8.85
N ILE A 85 14.02 8.92 7.81
CA ILE A 85 15.28 8.23 7.54
C ILE A 85 16.20 9.07 6.67
N ALA A 86 15.67 9.63 5.59
CA ALA A 86 16.52 10.38 4.67
C ALA A 86 17.21 11.55 5.34
N GLU A 87 16.55 12.21 6.31
CA GLU A 87 17.16 13.32 7.02
C GLU A 87 18.50 12.93 7.65
N LYS A 88 18.62 11.69 8.11
CA LYS A 88 19.84 11.24 8.76
C LYS A 88 21.00 11.07 7.78
N HIS A 89 20.71 11.06 6.48
CA HIS A 89 21.71 10.74 5.47
C HIS A 89 21.98 11.90 4.53
N VAL A 90 21.55 13.12 4.88
CA VAL A 90 21.78 14.26 4.00
C VAL A 90 23.27 14.43 3.78
N ASN A 91 23.64 14.65 2.53
CA ASN A 91 25.02 14.82 2.05
C ASN A 91 25.80 13.52 1.97
N GLY A 92 25.14 12.40 2.21
CA GLY A 92 25.71 11.09 1.93
C GLY A 92 24.82 10.35 0.93
N THR A 93 25.06 9.06 0.75
CA THR A 93 24.22 8.25 -0.12
C THR A 93 23.52 7.17 0.68
N MET A 94 22.43 6.66 0.09
CA MET A 94 21.76 5.44 0.51
C MET A 94 21.64 4.52 -0.69
N SER A 95 21.72 3.21 -0.46
CA SER A 95 21.47 2.28 -1.56
C SER A 95 19.97 2.22 -1.88
N LEU A 96 19.66 1.74 -3.08
CA LEU A 96 18.26 1.55 -3.43
C LEU A 96 17.58 0.53 -2.53
N ALA A 97 18.31 -0.49 -2.03
CA ALA A 97 17.72 -1.39 -1.04
C ALA A 97 17.35 -0.63 0.23
N GLU A 98 18.27 0.20 0.73
CA GLU A 98 18.00 0.99 1.94
C GLU A 98 16.81 1.92 1.72
N LEU A 99 16.73 2.54 0.53
CA LEU A 99 15.61 3.42 0.24
C LEU A 99 14.29 2.64 0.16
N SER A 100 14.32 1.44 -0.39
CA SER A 100 13.12 0.62 -0.44
C SER A 100 12.64 0.30 0.97
N ALA A 101 13.57 -0.12 1.84
CA ALA A 101 13.21 -0.43 3.22
C ALA A 101 12.65 0.79 3.93
N ALA A 102 13.27 1.96 3.73
CA ALA A 102 12.80 3.17 4.39
C ALA A 102 11.41 3.55 3.91
N ALA A 103 11.16 3.45 2.60
CA ALA A 103 9.85 3.76 2.06
C ALA A 103 8.77 2.84 2.62
N LEU A 104 9.10 1.54 2.73
CA LEU A 104 8.09 0.56 3.12
C LEU A 104 7.91 0.45 4.62
N GLN A 105 8.95 0.71 5.41
CA GLN A 105 8.91 0.43 6.83
C GLN A 105 8.76 1.65 7.70
N TYR A 106 9.13 2.83 7.19
CA TYR A 106 8.96 4.11 7.87
C TYR A 106 8.20 5.12 7.03
N SER A 107 7.68 4.71 5.89
CA SER A 107 6.93 5.59 4.98
C SER A 107 7.72 6.86 4.64
N ASP A 108 9.03 6.70 4.44
CA ASP A 108 9.85 7.86 4.09
C ASP A 108 9.49 8.36 2.69
N ASN A 109 9.17 9.65 2.58
N ASN A 109 9.20 9.66 2.56
CA ASN A 109 8.75 10.23 1.31
CA ASN A 109 8.76 10.19 1.28
C ASN A 109 9.91 10.50 0.36
C ASN A 109 9.90 10.54 0.34
N VAL A 110 11.07 10.90 0.88
CA VAL A 110 12.25 11.06 0.03
C VAL A 110 12.58 9.73 -0.61
N ALA A 111 12.55 8.67 0.19
CA ALA A 111 12.84 7.34 -0.34
C ALA A 111 11.90 6.99 -1.47
N MET A 112 10.59 7.23 -1.31
CA MET A 112 9.65 7.00 -2.40
C MET A 112 10.05 7.79 -3.65
N ASN A 113 10.38 9.08 -3.50
CA ASN A 113 10.75 9.85 -4.68
C ASN A 113 11.99 9.28 -5.38
N LYS A 114 12.94 8.74 -4.63
CA LYS A 114 14.11 8.14 -5.25
C LYS A 114 13.74 6.85 -5.98
N LEU A 115 12.84 6.04 -5.41
CA LEU A 115 12.38 4.86 -6.13
C LEU A 115 11.71 5.26 -7.43
N ILE A 116 10.80 6.24 -7.37
CA ILE A 116 10.10 6.71 -8.56
C ILE A 116 11.10 7.18 -9.61
N ALA A 117 12.07 7.99 -9.19
CA ALA A 117 13.00 8.55 -10.16
C ALA A 117 13.81 7.45 -10.82
N HIS A 118 14.23 6.45 -10.05
CA HIS A 118 15.12 5.41 -10.56
C HIS A 118 14.42 4.34 -11.36
N VAL A 119 13.09 4.34 -11.45
CA VAL A 119 12.41 3.50 -12.42
C VAL A 119 11.88 4.26 -13.61
N GLY A 120 11.94 5.57 -13.61
CA GLY A 120 11.53 6.36 -14.74
C GLY A 120 10.30 7.18 -14.54
N GLY A 121 9.91 7.47 -13.30
CA GLY A 121 8.82 8.36 -13.05
C GLY A 121 7.51 7.65 -12.80
N PRO A 122 6.48 8.42 -12.46
CA PRO A 122 5.19 7.80 -12.12
C PRO A 122 4.64 6.93 -13.22
N ALA A 123 4.77 7.34 -14.49
CA ALA A 123 4.22 6.57 -15.58
C ALA A 123 4.93 5.23 -15.75
N SER A 124 6.18 5.13 -15.33
CA SER A 124 6.88 3.85 -15.37
CA SER A 124 6.88 3.86 -15.36
C SER A 124 6.39 2.91 -14.26
N VAL A 125 6.02 3.43 -13.09
CA VAL A 125 5.40 2.57 -12.09
C VAL A 125 4.06 2.09 -12.61
N THR A 126 3.30 2.96 -13.27
CA THR A 126 2.03 2.56 -13.88
C THR A 126 2.24 1.49 -14.95
N ALA A 127 3.28 1.63 -15.78
CA ALA A 127 3.56 0.63 -16.81
C ALA A 127 3.89 -0.72 -16.19
N PHE A 128 4.61 -0.72 -15.06
CA PHE A 128 4.86 -1.96 -14.32
C PHE A 128 3.56 -2.60 -13.90
N ALA A 129 2.63 -1.81 -13.34
CA ALA A 129 1.33 -2.35 -12.95
C ALA A 129 0.64 -3.01 -14.14
N ARG A 130 0.69 -2.39 -15.31
CA ARG A 130 0.06 -2.97 -16.50
C ARG A 130 0.68 -4.33 -16.83
N GLN A 131 1.99 -4.51 -16.61
CA GLN A 131 2.63 -5.81 -16.84
C GLN A 131 2.16 -6.89 -15.87
N LEU A 132 1.58 -6.52 -14.75
CA LEU A 132 0.97 -7.45 -13.81
C LEU A 132 -0.48 -7.74 -14.15
N GLY A 133 -1.00 -7.13 -15.22
CA GLY A 133 -2.40 -7.27 -15.52
C GLY A 133 -3.29 -6.35 -14.75
N ASP A 134 -2.73 -5.31 -14.15
CA ASP A 134 -3.49 -4.31 -13.39
C ASP A 134 -3.67 -3.10 -14.28
N GLU A 135 -4.86 -2.94 -14.80
CA GLU A 135 -5.21 -1.87 -15.72
C GLU A 135 -5.99 -0.77 -15.00
N THR A 136 -5.99 -0.77 -13.67
CA THR A 136 -6.72 0.20 -12.86
C THR A 136 -5.78 1.17 -12.14
N PHE A 137 -4.71 0.64 -11.53
CA PHE A 137 -3.72 1.45 -10.84
C PHE A 137 -3.22 2.60 -11.70
N ARG A 138 -3.10 3.77 -11.12
CA ARG A 138 -2.39 4.85 -11.79
C ARG A 138 -1.62 5.65 -10.76
N LEU A 139 -0.32 5.80 -11.00
CA LEU A 139 0.53 6.72 -10.26
C LEU A 139 0.84 7.87 -11.20
N ASP A 140 0.45 9.09 -10.77
N ASP A 140 0.59 9.10 -10.75
CA ASP A 140 0.49 10.33 -11.55
CA ASP A 140 0.68 10.25 -11.62
C ASP A 140 1.58 11.29 -11.10
C ASP A 140 1.56 11.36 -11.08
N ARG A 141 1.77 11.43 -9.78
CA ARG A 141 2.57 12.45 -9.14
C ARG A 141 3.64 11.83 -8.26
N THR A 142 4.58 12.68 -7.86
CA THR A 142 5.61 12.38 -6.87
C THR A 142 5.15 12.81 -5.47
N GLU A 143 5.98 12.51 -4.48
CA GLU A 143 5.77 13.04 -3.14
C GLU A 143 6.17 14.51 -3.11
N PRO A 144 5.44 15.36 -2.39
CA PRO A 144 4.34 15.03 -1.47
C PRO A 144 2.94 15.14 -2.07
N THR A 145 2.83 15.61 -3.31
CA THR A 145 1.52 15.99 -3.82
C THR A 145 0.64 14.78 -4.15
N LEU A 146 1.20 13.57 -4.24
CA LEU A 146 0.35 12.43 -4.58
C LEU A 146 -0.67 12.10 -3.51
N ASN A 147 -0.59 12.72 -2.33
CA ASN A 147 -1.50 12.45 -1.22
C ASN A 147 -2.64 13.45 -1.06
N THR A 148 -2.90 14.32 -2.04
CA THR A 148 -3.94 15.34 -1.84
C THR A 148 -5.32 14.74 -1.65
N ALA A 149 -5.62 13.64 -2.35
CA ALA A 149 -6.84 12.85 -2.14
C ALA A 149 -8.11 13.69 -2.29
N ILE A 150 -8.15 14.53 -3.31
CA ILE A 150 -9.32 15.40 -3.54
C ILE A 150 -10.46 14.56 -4.10
N PRO A 151 -11.67 14.67 -3.55
CA PRO A 151 -12.79 13.89 -4.12
C PRO A 151 -12.99 14.21 -5.60
N GLY A 152 -13.18 13.17 -6.40
CA GLY A 152 -13.38 13.32 -7.83
C GLY A 152 -12.11 13.35 -8.66
N ASP A 153 -10.95 13.41 -8.03
CA ASP A 153 -9.66 13.48 -8.72
C ASP A 153 -9.14 12.08 -8.93
N PRO A 154 -8.96 11.62 -10.17
CA PRO A 154 -8.48 10.25 -10.38
C PRO A 154 -6.98 10.07 -10.25
N ARG A 155 -6.23 11.15 -10.09
CA ARG A 155 -4.78 11.00 -9.97
C ARG A 155 -4.42 10.14 -8.78
N ASP A 156 -3.45 9.25 -8.98
CA ASP A 156 -2.87 8.50 -7.87
C ASP A 156 -3.91 7.66 -7.15
N THR A 157 -4.79 7.02 -7.93
CA THR A 157 -5.85 6.20 -7.39
C THR A 157 -5.77 4.77 -7.91
N THR A 158 -6.44 3.89 -7.19
CA THR A 158 -6.78 2.56 -7.68
C THR A 158 -8.06 2.11 -7.01
N SER A 159 -8.51 0.91 -7.31
CA SER A 159 -9.68 0.34 -6.65
C SER A 159 -9.25 -0.73 -5.65
N PRO A 160 -10.07 -0.99 -4.63
CA PRO A 160 -9.72 -2.08 -3.69
C PRO A 160 -9.54 -3.42 -4.38
N ARG A 161 -10.42 -3.76 -5.32
CA ARG A 161 -10.30 -5.04 -6.01
C ARG A 161 -8.97 -5.13 -6.74
N ALA A 162 -8.63 -4.09 -7.51
CA ALA A 162 -7.41 -4.14 -8.30
C ALA A 162 -6.19 -4.25 -7.40
N MET A 163 -6.17 -3.48 -6.32
N MET A 163 -6.16 -3.47 -6.32
CA MET A 163 -4.98 -3.50 -5.45
CA MET A 163 -4.99 -3.49 -5.45
C MET A 163 -4.86 -4.82 -4.70
C MET A 163 -4.87 -4.82 -4.71
N ALA A 164 -5.99 -5.43 -4.32
CA ALA A 164 -5.92 -6.73 -3.66
C ALA A 164 -5.38 -7.79 -4.63
N GLN A 165 -5.91 -7.81 -5.85
N GLN A 165 -5.88 -7.78 -5.86
CA GLN A 165 -5.42 -8.77 -6.83
CA GLN A 165 -5.42 -8.76 -6.84
C GLN A 165 -3.94 -8.55 -7.12
C GLN A 165 -3.95 -8.55 -7.19
N THR A 166 -3.52 -7.29 -7.27
CA THR A 166 -2.10 -7.02 -7.52
C THR A 166 -1.24 -7.41 -6.33
N LEU A 167 -1.68 -7.10 -5.11
CA LEU A 167 -0.89 -7.50 -3.95
C LEU A 167 -0.78 -9.02 -3.87
N ARG A 168 -1.87 -9.76 -4.15
N ARG A 168 -1.83 -9.74 -4.29
CA ARG A 168 -1.76 -11.21 -4.19
CA ARG A 168 -1.73 -11.19 -4.41
C ARG A 168 -0.63 -11.63 -5.13
C ARG A 168 -0.66 -11.61 -5.41
N ASN A 169 -0.62 -11.06 -6.33
N ASN A 169 -0.67 -11.00 -6.60
CA ASN A 169 0.36 -11.45 -7.34
CA ASN A 169 0.37 -11.32 -7.58
C ASN A 169 1.78 -11.14 -6.90
C ASN A 169 1.77 -11.10 -6.99
N LEU A 170 1.98 -9.98 -6.27
CA LEU A 170 3.31 -9.58 -5.84
C LEU A 170 3.82 -10.40 -4.65
N THR A 171 2.96 -10.69 -3.67
CA THR A 171 3.41 -11.29 -2.42
C THR A 171 3.20 -12.80 -2.35
N LEU A 172 2.21 -13.34 -3.04
CA LEU A 172 1.87 -14.76 -3.00
C LEU A 172 2.04 -15.44 -4.34
N GLY A 173 1.95 -14.69 -5.43
CA GLY A 173 2.16 -15.19 -6.76
C GLY A 173 3.59 -14.97 -7.21
N LYS A 174 3.81 -15.00 -8.51
CA LYS A 174 5.16 -15.00 -9.08
C LYS A 174 5.38 -13.85 -10.06
N ALA A 175 4.75 -12.70 -9.78
CA ALA A 175 5.08 -11.48 -10.51
C ALA A 175 6.56 -11.14 -10.38
N LEU A 176 7.13 -11.43 -9.21
CA LEU A 176 8.54 -11.22 -8.93
C LEU A 176 9.21 -12.59 -8.81
N GLY A 177 10.51 -12.61 -9.08
CA GLY A 177 11.30 -13.81 -8.87
C GLY A 177 11.37 -14.19 -7.41
N ASP A 178 11.88 -15.40 -7.19
CA ASP A 178 11.93 -15.97 -5.84
C ASP A 178 12.60 -15.04 -4.85
N SER A 179 13.78 -14.55 -5.17
CA SER A 179 14.50 -13.69 -4.24
C SER A 179 13.75 -12.37 -4.03
N GLN A 180 13.20 -11.81 -5.11
CA GLN A 180 12.57 -10.51 -5.02
C GLN A 180 11.24 -10.55 -4.28
N ARG A 181 10.44 -11.59 -4.51
CA ARG A 181 9.20 -11.74 -3.74
C ARG A 181 9.49 -11.88 -2.26
N ALA A 182 10.47 -12.72 -1.91
CA ALA A 182 10.83 -12.87 -0.51
C ALA A 182 11.27 -11.55 0.09
N GLN A 183 12.01 -10.75 -0.68
CA GLN A 183 12.47 -9.45 -0.18
C GLN A 183 11.30 -8.51 0.07
N LEU A 184 10.33 -8.48 -0.84
CA LEU A 184 9.18 -7.61 -0.65
C LEU A 184 8.42 -8.00 0.61
N VAL A 185 8.17 -9.30 0.78
CA VAL A 185 7.42 -9.79 1.94
C VAL A 185 8.18 -9.49 3.22
N THR A 186 9.50 -9.72 3.21
CA THR A 186 10.30 -9.40 4.40
C THR A 186 10.20 -7.92 4.74
N TRP A 187 10.29 -7.06 3.73
CA TRP A 187 10.19 -5.61 4.00
C TRP A 187 8.83 -5.25 4.59
N MET A 188 7.75 -5.79 4.01
CA MET A 188 6.41 -5.47 4.49
C MET A 188 6.15 -6.03 5.88
N LYS A 189 6.68 -7.23 6.17
CA LYS A 189 6.52 -7.78 7.51
C LYS A 189 7.24 -6.92 8.54
N GLY A 190 8.27 -6.21 8.11
CA GLY A 190 9.03 -5.32 8.97
C GLY A 190 8.47 -3.92 9.08
N ASN A 191 7.29 -3.68 8.52
CA ASN A 191 6.70 -2.35 8.62
C ASN A 191 6.53 -1.96 10.07
N THR A 192 6.84 -0.70 10.38
CA THR A 192 6.71 -0.20 11.74
C THR A 192 5.49 0.69 11.95
N THR A 193 4.75 1.01 10.90
CA THR A 193 3.70 2.03 10.95
C THR A 193 2.26 1.49 10.86
N GLY A 194 2.04 0.18 10.98
CA GLY A 194 0.72 -0.40 10.72
C GLY A 194 -0.07 -1.00 11.89
N ALA A 195 0.44 -0.90 13.10
CA ALA A 195 -0.18 -1.62 14.21
C ALA A 195 -1.58 -1.12 14.55
N ALA A 196 -1.89 0.13 14.23
CA ALA A 196 -3.20 0.71 14.54
C ALA A 196 -4.24 0.49 13.45
N SER A 197 -3.88 -0.09 12.32
CA SER A 197 -4.77 -0.21 11.16
C SER A 197 -5.28 -1.64 11.06
N ILE A 198 -5.08 -2.34 9.93
CA ILE A 198 -5.62 -3.70 9.80
C ILE A 198 -5.21 -4.57 10.97
N GLN A 199 -3.94 -4.51 11.38
CA GLN A 199 -3.46 -5.37 12.46
C GLN A 199 -4.28 -5.22 13.74
N ALA A 200 -4.79 -4.03 14.01
CA ALA A 200 -5.55 -3.80 15.24
C ALA A 200 -6.90 -4.49 15.22
N GLY A 201 -7.36 -4.97 14.08
CA GLY A 201 -8.59 -5.74 13.96
C GLY A 201 -8.39 -7.23 13.87
N LEU A 202 -7.17 -7.73 14.03
CA LEU A 202 -6.85 -9.15 13.87
C LEU A 202 -6.29 -9.69 15.18
N PRO A 203 -6.44 -11.00 15.42
CA PRO A 203 -5.80 -11.59 16.61
C PRO A 203 -4.31 -11.34 16.67
N ALA A 204 -3.79 -11.33 17.90
CA ALA A 204 -2.37 -11.02 18.10
C ALA A 204 -1.44 -12.04 17.44
N SER A 205 -1.90 -13.28 17.27
CA SER A 205 -1.04 -14.34 16.75
C SER A 205 -0.87 -14.29 15.24
N TRP A 206 -1.71 -13.55 14.53
CA TRP A 206 -1.64 -13.55 13.08
C TRP A 206 -0.45 -12.75 12.58
N VAL A 207 0.16 -13.20 11.49
CA VAL A 207 1.34 -12.56 10.92
C VAL A 207 0.89 -11.70 9.75
N VAL A 208 1.39 -10.46 9.72
CA VAL A 208 0.96 -9.45 8.77
C VAL A 208 2.15 -8.76 8.13
N GLY A 209 2.11 -8.61 6.81
CA GLY A 209 2.92 -7.62 6.12
C GLY A 209 1.99 -6.60 5.52
N ASP A 210 2.18 -5.32 5.83
CA ASP A 210 1.23 -4.32 5.38
C ASP A 210 1.95 -3.02 5.04
N LYS A 211 1.22 -2.15 4.34
CA LYS A 211 1.64 -0.77 4.12
C LYS A 211 0.44 0.13 4.28
N THR A 212 0.56 1.12 5.17
CA THR A 212 -0.49 2.10 5.41
C THR A 212 -0.30 3.33 4.51
N GLY A 213 -1.33 4.18 4.50
CA GLY A 213 -1.20 5.50 3.91
C GLY A 213 -2.23 6.44 4.50
N SER A 214 -1.95 7.73 4.40
CA SER A 214 -2.91 8.75 4.81
C SER A 214 -2.71 9.98 3.94
N GLY A 215 -3.73 10.83 3.91
CA GLY A 215 -3.63 12.02 3.10
C GLY A 215 -4.78 12.97 3.36
N GLY A 216 -5.00 13.87 2.40
CA GLY A 216 -6.04 14.85 2.53
C GLY A 216 -7.41 14.21 2.64
N TYR A 217 -8.39 15.00 3.08
CA TYR A 217 -9.76 14.52 3.25
C TYR A 217 -9.82 13.34 4.22
N GLY A 218 -8.92 13.33 5.21
CA GLY A 218 -8.95 12.28 6.21
C GLY A 218 -8.76 10.90 5.62
N THR A 219 -8.05 10.81 4.50
CA THR A 219 -7.88 9.54 3.83
C THR A 219 -6.97 8.67 4.70
N THR A 220 -7.40 7.43 4.90
CA THR A 220 -6.76 6.50 5.81
C THR A 220 -6.83 5.12 5.17
N ASN A 221 -5.68 4.53 4.86
CA ASN A 221 -5.59 3.34 4.04
C ASN A 221 -4.65 2.30 4.64
N ASP A 222 -4.84 1.05 4.22
CA ASP A 222 -3.91 -0.03 4.57
C ASP A 222 -4.11 -1.16 3.56
N ILE A 223 -3.01 -1.80 3.14
CA ILE A 223 -3.05 -2.98 2.31
C ILE A 223 -2.16 -4.02 2.97
N ALA A 224 -2.60 -5.28 2.98
CA ALA A 224 -1.92 -6.29 3.77
C ALA A 224 -1.99 -7.67 3.15
N VAL A 225 -0.91 -8.43 3.36
CA VAL A 225 -0.90 -9.88 3.24
C VAL A 225 -0.89 -10.44 4.66
N ILE A 226 -1.74 -11.43 4.92
CA ILE A 226 -2.03 -11.90 6.27
C ILE A 226 -1.93 -13.42 6.29
N TRP A 227 -1.23 -13.95 7.27
CA TRP A 227 -1.22 -15.38 7.54
C TRP A 227 -1.98 -15.63 8.84
N PRO A 228 -3.25 -16.00 8.79
CA PRO A 228 -3.96 -16.34 10.03
C PRO A 228 -3.37 -17.62 10.61
N LYS A 229 -3.50 -17.76 11.92
CA LYS A 229 -3.00 -18.97 12.57
C LYS A 229 -3.62 -20.20 11.91
N ASP A 230 -2.75 -21.08 11.42
CA ASP A 230 -3.15 -22.39 10.89
C ASP A 230 -4.05 -22.31 9.66
N ARG A 231 -3.95 -21.23 8.88
CA ARG A 231 -4.78 -21.09 7.69
C ARG A 231 -3.98 -20.53 6.53
N ALA A 232 -4.50 -20.75 5.32
CA ALA A 232 -3.91 -20.16 4.14
C ALA A 232 -4.00 -18.63 4.21
N PRO A 233 -3.12 -17.96 3.49
CA PRO A 233 -3.08 -16.50 3.58
C PRO A 233 -4.29 -15.80 2.99
N LEU A 234 -4.44 -14.56 3.45
CA LEU A 234 -5.43 -13.63 2.97
C LEU A 234 -4.72 -12.41 2.39
N ILE A 235 -5.40 -11.71 1.49
CA ILE A 235 -5.03 -10.36 1.08
C ILE A 235 -6.17 -9.44 1.48
N LEU A 236 -5.86 -8.32 2.11
CA LEU A 236 -6.89 -7.38 2.52
C LEU A 236 -6.47 -5.96 2.17
N VAL A 237 -7.37 -5.26 1.47
CA VAL A 237 -7.23 -3.83 1.18
C VAL A 237 -8.39 -3.12 1.87
N THR A 238 -8.07 -2.10 2.66
CA THR A 238 -9.07 -1.25 3.31
C THR A 238 -8.69 0.20 3.01
N TYR A 239 -9.53 0.87 2.23
CA TYR A 239 -9.36 2.28 1.86
C TYR A 239 -10.50 3.09 2.46
N PHE A 240 -10.21 4.29 2.91
CA PHE A 240 -11.23 5.09 3.58
C PHE A 240 -10.95 6.56 3.31
N THR A 241 -11.99 7.34 3.02
CA THR A 241 -11.82 8.78 2.82
C THR A 241 -13.10 9.50 3.27
N GLN A 242 -12.98 10.79 3.52
CA GLN A 242 -14.00 11.56 4.22
C GLN A 242 -14.36 12.81 3.47
N PRO A 243 -15.49 13.44 3.79
CA PRO A 243 -15.94 14.57 2.98
C PRO A 243 -15.22 15.87 3.28
N GLN A 244 -14.64 16.03 4.47
CA GLN A 244 -14.07 17.30 4.89
C GLN A 244 -12.59 17.36 4.55
N PRO A 245 -12.11 18.47 3.96
CA PRO A 245 -10.68 18.53 3.64
C PRO A 245 -9.76 18.29 4.81
N LYS A 246 -10.13 18.77 6.01
CA LYS A 246 -9.29 18.68 7.19
C LYS A 246 -9.75 17.59 8.16
N ALA A 247 -10.49 16.60 7.67
CA ALA A 247 -10.87 15.48 8.52
C ALA A 247 -9.63 14.79 9.09
N GLU A 248 -9.78 14.26 10.30
CA GLU A 248 -8.71 13.53 10.95
C GLU A 248 -8.68 12.08 10.48
N SER A 249 -7.50 11.47 10.58
N SER A 249 -7.50 11.47 10.58
CA SER A 249 -7.36 10.07 10.21
CA SER A 249 -7.35 10.07 10.20
C SER A 249 -8.26 9.19 11.07
C SER A 249 -8.24 9.19 11.08
N ARG A 250 -8.67 8.05 10.51
CA ARG A 250 -9.57 7.12 11.20
C ARG A 250 -9.03 5.69 11.03
N ARG A 251 -7.87 5.43 11.64
CA ARG A 251 -7.30 4.08 11.56
C ARG A 251 -8.20 3.05 12.21
N ASP A 252 -8.98 3.46 13.20
CA ASP A 252 -9.95 2.57 13.84
C ASP A 252 -10.98 2.02 12.85
N VAL A 253 -11.33 2.80 11.82
CA VAL A 253 -12.27 2.30 10.82
C VAL A 253 -11.68 1.14 10.04
N LEU A 254 -10.39 1.21 9.74
CA LEU A 254 -9.72 0.12 9.04
C LEU A 254 -9.65 -1.12 9.92
N ALA A 255 -9.33 -0.94 11.21
CA ALA A 255 -9.31 -2.04 12.14
C ALA A 255 -10.68 -2.70 12.24
N SER A 256 -11.74 -1.89 12.30
CA SER A 256 -13.10 -2.42 12.38
C SER A 256 -13.46 -3.21 11.12
N ALA A 257 -13.09 -2.68 9.95
CA ALA A 257 -13.36 -3.39 8.71
C ALA A 257 -12.64 -4.74 8.68
N ALA A 258 -11.38 -4.76 9.12
CA ALA A 258 -10.62 -6.00 9.15
C ALA A 258 -11.28 -7.02 10.07
N LYS A 259 -11.74 -6.58 11.25
CA LYS A 259 -12.41 -7.49 12.18
C LYS A 259 -13.68 -8.04 11.56
N ILE A 260 -14.47 -7.21 10.88
CA ILE A 260 -15.70 -7.67 10.27
C ILE A 260 -15.45 -8.73 9.22
N VAL A 261 -14.47 -8.51 8.33
CA VAL A 261 -14.34 -9.41 7.19
C VAL A 261 -13.54 -10.67 7.51
N THR A 262 -12.82 -10.71 8.63
CA THR A 262 -12.07 -11.90 9.01
C THR A 262 -12.75 -12.68 10.13
N ASP A 263 -13.87 -12.19 10.63
CA ASP A 263 -14.65 -12.91 11.64
C ASP A 263 -14.97 -14.31 11.13
N GLY A 264 -14.61 -15.31 11.92
CA GLY A 264 -14.77 -16.70 11.54
C GLY A 264 -13.50 -17.38 11.06
N LEU A 265 -12.53 -16.62 10.57
CA LEU A 265 -11.32 -17.21 10.00
C LEU A 265 -10.23 -17.45 11.04
C20 QBZ B . 2.58 14.17 5.27
C14 QBZ B . -2.24 16.00 2.04
N15 QBZ B . -1.11 16.17 1.30
N16 QBZ B . -0.11 15.96 2.06
C02 QBZ B . 1.74 8.19 2.91
C03 QBZ B . 2.42 9.52 3.21
C04 QBZ B . 1.43 10.62 3.48
C06 QBZ B . 0.90 12.88 3.95
C07 QBZ B . 0.08 12.51 5.24
C10 QBZ B . 1.58 14.24 4.16
C11 QBZ B . 0.51 15.30 4.49
C13 QBZ B . -1.86 15.63 3.34
N05 QBZ B . 1.88 11.82 3.70
N12 QBZ B . -0.47 15.64 3.30
O01 QBZ B . 0.57 7.97 3.04
O08 QBZ B . -1.05 13.04 5.32
O09 QBZ B . 0.61 11.77 6.09
O18 QBZ B . 3.65 13.80 2.70
O19 QBZ B . 2.81 16.10 2.79
S17 QBZ B . 2.46 14.64 2.61
H201 QBZ B . 2.17 14.02 6.14
H203 QBZ B . 3.12 14.97 5.35
H202 QBZ B . 3.23 13.45 5.16
H141 QBZ B . -3.09 16.10 1.68
H031 QBZ B . 3.03 9.41 3.95
H032 QBZ B . 2.99 9.76 2.45
H041 QBZ B . 0.55 10.35 3.47
H061 QBZ B . 0.27 12.96 3.22
H112 QBZ B . -0.05 15.04 5.24
H111 QBZ B . 0.90 16.16 4.73
H131 QBZ B . -2.37 15.45 4.10
S SO4 C . 1.99 6.13 6.70
O1 SO4 C . 0.54 5.92 6.78
O2 SO4 C . 2.49 6.76 7.90
O3 SO4 C . 2.62 4.79 6.58
O4 SO4 C . 2.39 6.90 5.53
S SO4 D . -15.60 -23.34 -6.15
O1 SO4 D . -16.27 -22.57 -5.10
O2 SO4 D . -15.13 -24.60 -5.59
O3 SO4 D . -16.56 -23.58 -7.25
O4 SO4 D . -14.43 -22.60 -6.61
CL CL E . -5.81 -12.05 20.37
#